data_4BPG
#
_entry.id   4BPG
#
_cell.length_a   72.680
_cell.length_b   72.680
_cell.length_c   110.308
_cell.angle_alpha   90.00
_cell.angle_beta   90.00
_cell.angle_gamma   120.00
#
_symmetry.space_group_name_H-M   'P 61 2 2'
#
loop_
_entity.id
_entity.type
_entity.pdbx_description
1 polymer 'D-ALANINE--POLY(PHOSPHORIBITOL) LIGASE SUBUNIT 2'
2 water water
#
_entity_poly.entity_id   1
_entity_poly.type   'polypeptide(L)'
_entity_poly.pdbx_seq_one_letter_code
;MDFKQEVLDVLAEVCQDDIVKENPDIEIFEEGLLD(SEP)FGTVELLLAIENRFDILVPITEFDRDVWNTPNNIVNQLSE
LKRSHHHHHH
;
_entity_poly.pdbx_strand_id   A,B
#
# COMPACT_ATOMS: atom_id res chain seq x y z
N MET A 1 3.31 -17.72 -8.61
CA MET A 1 3.45 -17.27 -7.23
C MET A 1 4.93 -17.12 -6.88
N ASP A 2 5.51 -16.01 -7.31
CA ASP A 2 6.92 -15.72 -7.03
C ASP A 2 7.04 -14.72 -5.90
N PHE A 3 7.29 -15.22 -4.69
CA PHE A 3 7.29 -14.38 -3.51
C PHE A 3 8.21 -13.16 -3.63
N LYS A 4 9.42 -13.38 -4.14
CA LYS A 4 10.37 -12.29 -4.32
C LYS A 4 9.80 -11.19 -5.20
N GLN A 5 9.28 -11.57 -6.37
CA GLN A 5 8.71 -10.60 -7.29
C GLN A 5 7.53 -9.88 -6.67
N GLU A 6 6.76 -10.61 -5.87
CA GLU A 6 5.62 -10.04 -5.17
C GLU A 6 6.06 -8.96 -4.20
N VAL A 7 7.15 -9.22 -3.49
CA VAL A 7 7.71 -8.25 -2.55
C VAL A 7 8.24 -7.03 -3.31
N LEU A 8 8.95 -7.28 -4.40
CA LEU A 8 9.50 -6.20 -5.22
C LEU A 8 8.38 -5.31 -5.76
N ASP A 9 7.27 -5.93 -6.15
CA ASP A 9 6.13 -5.19 -6.67
C ASP A 9 5.55 -4.27 -5.61
N VAL A 10 5.42 -4.80 -4.39
CA VAL A 10 4.90 -4.00 -3.28
C VAL A 10 5.84 -2.82 -3.00
N LEU A 11 7.14 -3.10 -2.94
CA LEU A 11 8.13 -2.06 -2.72
C LEU A 11 8.04 -0.95 -3.77
N ALA A 12 7.90 -1.36 -5.03
CA ALA A 12 7.73 -0.41 -6.13
C ALA A 12 6.48 0.47 -5.95
N GLU A 13 5.41 -0.13 -5.44
CA GLU A 13 4.16 0.59 -5.23
C GLU A 13 4.28 1.64 -4.13
N VAL A 14 4.78 1.23 -2.97
CA VAL A 14 4.89 2.11 -1.82
C VAL A 14 5.93 3.21 -2.03
N CYS A 15 7.01 2.88 -2.73
CA CYS A 15 8.05 3.84 -3.06
C CYS A 15 7.66 4.69 -4.26
N GLN A 16 6.63 4.25 -4.98
CA GLN A 16 6.18 4.93 -6.18
C GLN A 16 7.35 5.17 -7.14
N ASP A 17 8.18 4.16 -7.27
CA ASP A 17 9.33 4.21 -8.16
C ASP A 17 9.72 2.79 -8.53
N ASP A 18 9.73 2.50 -9.83
CA ASP A 18 10.06 1.16 -10.30
C ASP A 18 11.54 0.82 -10.13
N ILE A 19 12.32 1.82 -9.73
CA ILE A 19 13.76 1.62 -9.61
C ILE A 19 14.10 0.56 -8.55
N VAL A 20 13.24 0.44 -7.54
CA VAL A 20 13.49 -0.51 -6.45
C VAL A 20 13.21 -1.96 -6.85
N LYS A 21 12.42 -2.17 -7.89
CA LYS A 21 12.17 -3.52 -8.37
C LYS A 21 13.06 -3.89 -9.55
N GLU A 22 13.67 -2.87 -10.16
CA GLU A 22 14.63 -3.08 -11.24
C GLU A 22 16.05 -3.15 -10.67
N ASN A 23 16.21 -2.68 -9.45
CA ASN A 23 17.48 -2.76 -8.73
C ASN A 23 17.28 -3.35 -7.34
N PRO A 24 17.26 -4.69 -7.25
CA PRO A 24 16.97 -5.44 -6.03
C PRO A 24 18.00 -5.24 -4.92
N ASP A 25 19.12 -4.59 -5.23
CA ASP A 25 20.17 -4.39 -4.24
C ASP A 25 20.34 -2.92 -3.90
N ILE A 26 19.45 -2.08 -4.43
CA ILE A 26 19.51 -0.65 -4.16
C ILE A 26 19.31 -0.36 -2.68
N GLU A 27 19.99 0.65 -2.17
CA GLU A 27 19.89 1.03 -0.77
C GLU A 27 18.67 1.92 -0.56
N ILE A 28 17.52 1.28 -0.38
CA ILE A 28 16.24 1.98 -0.28
C ILE A 28 16.28 3.25 0.55
N PHE A 29 16.67 3.12 1.81
CA PHE A 29 16.63 4.24 2.74
C PHE A 29 17.76 5.25 2.54
N GLU A 30 18.92 4.75 2.13
CA GLU A 30 20.05 5.63 1.86
C GLU A 30 19.80 6.47 0.61
N GLU A 31 19.01 5.93 -0.31
CA GLU A 31 18.64 6.64 -1.53
C GLU A 31 17.47 7.58 -1.25
N GLY A 32 16.89 7.46 -0.05
CA GLY A 32 15.75 8.27 0.33
C GLY A 32 14.49 7.91 -0.43
N LEU A 33 14.42 6.66 -0.89
CA LEU A 33 13.25 6.19 -1.64
C LEU A 33 12.08 5.87 -0.72
N LEU A 34 12.33 5.85 0.58
CA LEU A 34 11.31 5.49 1.55
C LEU A 34 11.54 6.19 2.88
N ASP A 35 10.51 6.87 3.38
CA ASP A 35 10.59 7.52 4.67
C ASP A 35 9.86 6.70 5.74
N PHE A 37 6.83 7.18 7.08
CA PHE A 37 5.42 6.96 6.75
C PHE A 37 5.27 5.89 5.67
N GLY A 38 6.20 5.85 4.74
CA GLY A 38 6.22 4.82 3.71
C GLY A 38 6.52 3.46 4.31
N THR A 39 7.38 3.44 5.32
CA THR A 39 7.72 2.21 6.01
C THR A 39 6.50 1.62 6.68
N VAL A 40 5.76 2.46 7.40
CA VAL A 40 4.53 2.03 8.05
C VAL A 40 3.55 1.45 7.02
N GLU A 41 3.45 2.09 5.86
CA GLU A 41 2.56 1.60 4.82
C GLU A 41 3.00 0.23 4.31
N LEU A 42 4.31 0.08 4.14
CA LEU A 42 4.88 -1.18 3.67
C LEU A 42 4.54 -2.34 4.59
N LEU A 43 4.70 -2.11 5.89
CA LEU A 43 4.46 -3.14 6.88
C LEU A 43 2.99 -3.55 6.92
N LEU A 44 2.10 -2.58 6.73
CA LEU A 44 0.67 -2.86 6.63
C LEU A 44 0.40 -3.72 5.40
N ALA A 45 1.02 -3.38 4.28
CA ALA A 45 0.83 -4.14 3.05
C ALA A 45 1.35 -5.57 3.20
N ILE A 46 2.51 -5.71 3.82
CA ILE A 46 3.11 -7.02 4.04
C ILE A 46 2.18 -7.91 4.87
N GLU A 47 1.58 -7.33 5.90
CA GLU A 47 0.61 -8.03 6.72
C GLU A 47 -0.63 -8.41 5.91
N ASN A 48 -1.12 -7.47 5.12
CA ASN A 48 -2.36 -7.67 4.38
C ASN A 48 -2.25 -8.66 3.23
N ARG A 49 -1.07 -8.76 2.63
CA ARG A 49 -0.89 -9.58 1.44
C ARG A 49 -0.11 -10.87 1.67
N PHE A 50 0.75 -10.88 2.69
CA PHE A 50 1.56 -12.07 2.98
C PHE A 50 1.24 -12.66 4.35
N ASP A 51 0.36 -11.99 5.09
CA ASP A 51 -0.01 -12.44 6.44
C ASP A 51 1.18 -12.45 7.39
N ILE A 52 2.24 -11.73 7.03
CA ILE A 52 3.43 -11.65 7.87
C ILE A 52 3.36 -10.40 8.74
N LEU A 53 3.46 -10.59 10.06
CA LEU A 53 3.37 -9.46 10.98
C LEU A 53 4.74 -8.95 11.39
N VAL A 54 5.10 -7.76 10.92
CA VAL A 54 6.37 -7.14 11.28
C VAL A 54 6.16 -6.00 12.26
N PRO A 55 6.66 -6.15 13.50
CA PRO A 55 6.57 -5.09 14.50
C PRO A 55 7.41 -3.89 14.08
N ILE A 56 6.79 -2.72 13.99
CA ILE A 56 7.51 -1.50 13.62
C ILE A 56 8.74 -1.31 14.50
N THR A 57 8.65 -1.79 15.73
CA THR A 57 9.73 -1.65 16.70
C THR A 57 10.92 -2.55 16.39
N GLU A 58 10.69 -3.57 15.55
CA GLU A 58 11.77 -4.47 15.17
C GLU A 58 12.37 -4.09 13.81
N PHE A 59 11.65 -3.29 13.05
CA PHE A 59 12.17 -2.83 11.76
C PHE A 59 13.47 -2.06 11.97
N ASP A 60 14.46 -2.36 11.12
CA ASP A 60 15.78 -1.76 11.24
C ASP A 60 16.28 -1.41 9.85
N ARG A 61 16.44 -0.12 9.59
CA ARG A 61 16.88 0.34 8.27
C ARG A 61 18.22 -0.24 7.84
N ASP A 62 19.06 -0.56 8.83
CA ASP A 62 20.37 -1.12 8.55
C ASP A 62 20.31 -2.57 8.08
N VAL A 63 19.29 -3.29 8.52
CA VAL A 63 19.12 -4.69 8.13
C VAL A 63 18.13 -4.85 6.98
N TRP A 64 17.08 -4.04 6.99
CA TRP A 64 16.08 -4.05 5.91
C TRP A 64 16.44 -2.97 4.90
N ASN A 65 17.68 -2.99 4.42
CA ASN A 65 18.23 -1.89 3.63
C ASN A 65 18.08 -2.02 2.12
N THR A 66 17.79 -3.23 1.64
CA THR A 66 17.59 -3.45 0.21
C THR A 66 16.37 -4.34 0.00
N PRO A 67 15.76 -4.26 -1.19
CA PRO A 67 14.67 -5.17 -1.54
C PRO A 67 15.03 -6.63 -1.29
N ASN A 68 16.17 -7.07 -1.82
CA ASN A 68 16.65 -8.43 -1.60
C ASN A 68 16.72 -8.81 -0.13
N ASN A 69 17.36 -7.94 0.65
CA ASN A 69 17.48 -8.17 2.09
C ASN A 69 16.14 -8.13 2.81
N ILE A 70 15.24 -7.28 2.33
CA ILE A 70 13.88 -7.24 2.85
C ILE A 70 13.15 -8.55 2.54
N VAL A 71 13.35 -9.06 1.33
CA VAL A 71 12.81 -10.36 0.95
C VAL A 71 13.35 -11.44 1.88
N ASN A 72 14.65 -11.39 2.15
CA ASN A 72 15.30 -12.36 3.02
C ASN A 72 14.76 -12.28 4.45
N GLN A 73 14.65 -11.07 4.97
CA GLN A 73 14.11 -10.86 6.31
C GLN A 73 12.70 -11.41 6.44
N LEU A 74 11.88 -11.19 5.42
CA LEU A 74 10.52 -11.70 5.41
C LEU A 74 10.51 -13.23 5.39
N SER A 75 11.45 -13.80 4.65
CA SER A 75 11.59 -15.26 4.59
C SER A 75 11.92 -15.84 5.97
N GLU A 76 12.86 -15.21 6.66
CA GLU A 76 13.25 -15.64 8.01
C GLU A 76 12.03 -15.62 8.94
N LEU A 77 11.25 -14.55 8.84
CA LEU A 77 10.10 -14.34 9.72
C LEU A 77 9.02 -15.40 9.56
N LYS A 78 8.82 -15.86 8.32
CA LYS A 78 7.75 -16.81 8.03
C LYS A 78 8.13 -18.26 8.36
N ARG A 79 9.32 -18.45 8.89
CA ARG A 79 9.79 -19.79 9.24
C ARG A 79 10.25 -19.91 10.69
N SER A 80 10.21 -21.13 11.21
CA SER A 80 10.62 -21.40 12.58
C SER A 80 11.96 -22.11 12.63
N MET B 1 -2.14 13.15 -16.34
CA MET B 1 -2.44 12.05 -15.43
C MET B 1 -3.92 11.70 -15.47
N ASP B 2 -4.31 10.75 -14.64
CA ASP B 2 -5.72 10.40 -14.46
C ASP B 2 -5.97 10.10 -12.98
N PHE B 3 -6.33 11.12 -12.24
CA PHE B 3 -6.55 10.98 -10.80
C PHE B 3 -7.51 9.84 -10.47
N LYS B 4 -8.53 9.66 -11.31
CA LYS B 4 -9.46 8.55 -11.14
C LYS B 4 -8.72 7.22 -11.18
N GLN B 5 -7.96 7.00 -12.26
CA GLN B 5 -7.18 5.79 -12.41
C GLN B 5 -6.15 5.61 -11.29
N GLU B 6 -5.52 6.71 -10.89
CA GLU B 6 -4.58 6.68 -9.77
C GLU B 6 -5.23 6.04 -8.55
N VAL B 7 -6.38 6.58 -8.16
CA VAL B 7 -7.10 6.09 -7.00
C VAL B 7 -7.60 4.67 -7.24
N LEU B 8 -8.15 4.43 -8.42
CA LEU B 8 -8.65 3.10 -8.77
C LEU B 8 -7.53 2.06 -8.71
N ASP B 9 -6.34 2.45 -9.18
CA ASP B 9 -5.18 1.57 -9.13
C ASP B 9 -4.78 1.28 -7.68
N VAL B 10 -4.57 2.33 -6.91
CA VAL B 10 -4.25 2.20 -5.49
C VAL B 10 -5.29 1.29 -4.82
N LEU B 11 -6.55 1.55 -5.12
CA LEU B 11 -7.66 0.78 -4.56
C LEU B 11 -7.53 -0.69 -4.95
N ALA B 12 -7.16 -0.94 -6.20
CA ALA B 12 -7.01 -2.30 -6.70
C ALA B 12 -5.80 -2.99 -6.09
N GLU B 13 -4.79 -2.21 -5.73
CA GLU B 13 -3.57 -2.75 -5.12
C GLU B 13 -3.84 -3.20 -3.69
N VAL B 14 -4.50 -2.34 -2.91
CA VAL B 14 -4.80 -2.64 -1.52
C VAL B 14 -5.83 -3.76 -1.40
N CYS B 15 -6.80 -3.74 -2.31
CA CYS B 15 -7.87 -4.75 -2.32
C CYS B 15 -7.41 -6.09 -2.88
N GLN B 16 -6.25 -6.10 -3.54
CA GLN B 16 -5.72 -7.31 -4.15
C GLN B 16 -6.72 -7.91 -5.15
N ASP B 17 -7.50 -7.05 -5.79
CA ASP B 17 -8.52 -7.51 -6.71
C ASP B 17 -8.83 -6.43 -7.74
N ASP B 18 -8.75 -6.79 -9.02
CA ASP B 18 -8.97 -5.85 -10.11
C ASP B 18 -10.46 -5.53 -10.29
N ILE B 19 -11.30 -6.24 -9.56
CA ILE B 19 -12.75 -6.07 -9.68
C ILE B 19 -13.18 -4.64 -9.34
N VAL B 20 -12.49 -4.03 -8.37
CA VAL B 20 -12.80 -2.67 -7.95
C VAL B 20 -12.41 -1.68 -9.02
N LYS B 21 -11.53 -2.12 -9.92
CA LYS B 21 -11.06 -1.28 -11.02
C LYS B 21 -12.01 -1.38 -12.20
N GLU B 22 -12.62 -2.56 -12.36
CA GLU B 22 -13.53 -2.81 -13.46
C GLU B 22 -14.98 -2.49 -13.07
N ASN B 23 -15.19 -2.23 -11.78
CA ASN B 23 -16.51 -1.86 -11.27
C ASN B 23 -16.44 -0.66 -10.33
N PRO B 24 -16.27 0.55 -10.89
CA PRO B 24 -16.09 1.79 -10.13
C PRO B 24 -17.29 2.13 -9.24
N ASP B 25 -18.34 1.31 -9.26
CA ASP B 25 -19.52 1.58 -8.45
C ASP B 25 -19.78 0.47 -7.44
N ILE B 26 -18.89 -0.52 -7.40
CA ILE B 26 -19.07 -1.66 -6.51
C ILE B 26 -18.95 -1.24 -5.05
N GLU B 27 -19.77 -1.85 -4.19
CA GLU B 27 -19.75 -1.57 -2.76
C GLU B 27 -18.58 -2.29 -2.11
N ILE B 28 -17.45 -1.60 -1.99
CA ILE B 28 -16.21 -2.21 -1.52
C ILE B 28 -16.34 -2.91 -0.16
N PHE B 29 -17.02 -2.27 0.78
CA PHE B 29 -17.10 -2.80 2.14
C PHE B 29 -18.19 -3.84 2.29
N GLU B 30 -19.28 -3.70 1.54
CA GLU B 30 -20.33 -4.70 1.54
C GLU B 30 -19.81 -5.98 0.90
N GLU B 31 -18.92 -5.81 -0.08
CA GLU B 31 -18.39 -6.93 -0.85
C GLU B 31 -17.23 -7.61 -0.11
N GLY B 32 -16.83 -7.03 1.01
CA GLY B 32 -15.76 -7.59 1.82
C GLY B 32 -14.40 -7.50 1.14
N LEU B 33 -14.27 -6.59 0.18
CA LEU B 33 -13.02 -6.45 -0.57
C LEU B 33 -11.97 -5.70 0.24
N LEU B 34 -12.42 -4.91 1.20
CA LEU B 34 -11.52 -4.11 2.02
C LEU B 34 -11.89 -4.22 3.49
N ASP B 35 -10.93 -4.60 4.31
CA ASP B 35 -11.16 -4.73 5.75
C ASP B 35 -10.55 -3.56 6.51
N PHE B 37 -7.77 -3.38 8.22
CA PHE B 37 -6.34 -3.25 7.97
C PHE B 37 -6.07 -2.59 6.62
N GLY B 38 -6.80 -3.01 5.60
CA GLY B 38 -6.63 -2.47 4.26
C GLY B 38 -7.05 -1.00 4.21
N THR B 39 -8.07 -0.67 4.99
CA THR B 39 -8.54 0.71 5.08
C THR B 39 -7.45 1.62 5.63
N VAL B 40 -6.83 1.18 6.72
CA VAL B 40 -5.72 1.94 7.31
C VAL B 40 -4.57 2.10 6.31
N GLU B 41 -4.29 1.05 5.55
CA GLU B 41 -3.26 1.09 4.52
C GLU B 41 -3.67 2.05 3.40
N LEU B 42 -4.95 1.99 3.03
CA LEU B 42 -5.50 2.86 2.00
C LEU B 42 -5.26 4.34 2.36
N LEU B 43 -5.68 4.72 3.56
CA LEU B 43 -5.56 6.11 4.00
C LEU B 43 -4.11 6.57 4.03
N LEU B 44 -3.22 5.67 4.45
CA LEU B 44 -1.80 5.99 4.50
C LEU B 44 -1.24 6.18 3.10
N ALA B 45 -1.65 5.29 2.19
CA ALA B 45 -1.24 5.40 0.79
C ALA B 45 -1.69 6.72 0.19
N ILE B 46 -2.91 7.14 0.51
CA ILE B 46 -3.45 8.41 0.02
C ILE B 46 -2.62 9.57 0.52
N GLU B 47 -2.31 9.57 1.81
CA GLU B 47 -1.46 10.59 2.41
C GLU B 47 -0.09 10.62 1.75
N ASN B 48 0.47 9.43 1.50
CA ASN B 48 1.81 9.33 0.94
C ASN B 48 1.91 9.69 -0.54
N ARG B 49 0.86 9.38 -1.30
CA ARG B 49 0.91 9.55 -2.75
C ARG B 49 0.16 10.78 -3.26
N PHE B 50 -0.76 11.31 -2.46
CA PHE B 50 -1.55 12.46 -2.88
C PHE B 50 -1.43 13.63 -1.90
N ASP B 51 -0.70 13.43 -0.82
CA ASP B 51 -0.55 14.45 0.22
C ASP B 51 -1.89 14.91 0.77
N ILE B 52 -2.87 14.02 0.75
CA ILE B 52 -4.17 14.29 1.34
C ILE B 52 -4.31 13.50 2.63
N LEU B 53 -4.38 14.21 3.76
CA LEU B 53 -4.48 13.57 5.06
C LEU B 53 -5.94 13.31 5.43
N VAL B 54 -6.33 12.04 5.42
CA VAL B 54 -7.68 11.67 5.82
C VAL B 54 -7.67 11.02 7.20
N PRO B 55 -8.09 11.78 8.22
CA PRO B 55 -8.19 11.22 9.57
C PRO B 55 -9.13 10.01 9.57
N ILE B 56 -8.75 8.96 10.27
CA ILE B 56 -9.54 7.74 10.30
C ILE B 56 -10.96 7.97 10.84
N THR B 57 -11.11 8.93 11.76
CA THR B 57 -12.42 9.25 12.29
C THR B 57 -13.30 9.96 11.25
N GLU B 58 -12.65 10.65 10.32
CA GLU B 58 -13.37 11.34 9.25
C GLU B 58 -13.72 10.40 8.11
N PHE B 59 -13.14 9.19 8.14
CA PHE B 59 -13.47 8.18 7.15
C PHE B 59 -14.77 7.48 7.54
N ASP B 60 -15.68 7.35 6.57
CA ASP B 60 -16.98 6.74 6.80
C ASP B 60 -17.29 5.73 5.71
N ARG B 61 -17.47 4.46 6.10
CA ARG B 61 -17.70 3.39 5.15
C ARG B 61 -18.99 3.57 4.33
N ASP B 62 -19.92 4.35 4.86
CA ASP B 62 -21.17 4.61 4.16
C ASP B 62 -21.00 5.65 3.06
N VAL B 63 -20.07 6.58 3.27
CA VAL B 63 -19.83 7.67 2.33
C VAL B 63 -18.72 7.30 1.34
N TRP B 64 -17.68 6.65 1.85
CA TRP B 64 -16.59 6.17 1.03
C TRP B 64 -16.85 4.71 0.66
N ASN B 65 -18.04 4.44 0.13
CA ASN B 65 -18.49 3.06 -0.07
C ASN B 65 -18.18 2.48 -1.44
N THR B 66 -17.84 3.34 -2.40
CA THR B 66 -17.48 2.88 -3.74
C THR B 66 -16.21 3.58 -4.20
N PRO B 67 -15.54 3.03 -5.22
CA PRO B 67 -14.36 3.67 -5.82
C PRO B 67 -14.69 5.07 -6.32
N ASN B 68 -15.78 5.20 -7.09
CA ASN B 68 -16.23 6.50 -7.57
C ASN B 68 -16.48 7.48 -6.43
N ASN B 69 -17.12 7.00 -5.36
CA ASN B 69 -17.46 7.86 -4.24
C ASN B 69 -16.24 8.23 -3.38
N ILE B 70 -15.27 7.34 -3.32
CA ILE B 70 -14.00 7.64 -2.65
C ILE B 70 -13.27 8.73 -3.42
N VAL B 71 -13.18 8.55 -4.73
CA VAL B 71 -12.63 9.57 -5.61
C VAL B 71 -13.30 10.92 -5.36
N ASN B 72 -14.62 10.90 -5.21
CA ASN B 72 -15.39 12.10 -4.97
C ASN B 72 -15.06 12.76 -3.63
N GLN B 73 -15.08 11.96 -2.56
CA GLN B 73 -14.78 12.47 -1.23
C GLN B 73 -13.37 13.04 -1.14
N LEU B 74 -12.44 12.43 -1.87
CA LEU B 74 -11.06 12.90 -1.88
C LEU B 74 -10.94 14.23 -2.60
N SER B 75 -11.65 14.37 -3.71
CA SER B 75 -11.63 15.62 -4.48
C SER B 75 -12.19 16.77 -3.64
N GLU B 76 -13.29 16.52 -2.96
CA GLU B 76 -13.92 17.53 -2.11
C GLU B 76 -13.02 17.87 -0.91
N LEU B 77 -12.18 16.92 -0.53
CA LEU B 77 -11.21 17.13 0.54
C LEU B 77 -10.19 18.20 0.18
N LYS B 78 -9.49 17.99 -0.92
CA LYS B 78 -8.53 18.97 -1.43
C LYS B 78 -9.15 20.36 -1.40
N ARG B 79 -10.28 20.50 -2.07
CA ARG B 79 -10.98 21.77 -2.18
C ARG B 79 -11.61 22.17 -0.86
#